data_7F62
#
_entry.id   7F62
#
_cell.length_a   1.00
_cell.length_b   1.00
_cell.length_c   1.00
_cell.angle_alpha   90.00
_cell.angle_beta   90.00
_cell.angle_gamma   90.00
#
_symmetry.space_group_name_H-M   'P 1'
#
loop_
_entity.id
_entity.type
_entity.pdbx_description
1 polymer 'Spike glycoprotein'
2 polymer 'RBD-chAb-25, Heavy chain'
3 polymer 'RBD-chAb-25, Light chain'
#
loop_
_entity_poly.entity_id
_entity_poly.type
_entity_poly.pdbx_seq_one_letter_code
_entity_poly.pdbx_strand_id
1 'polypeptide(L)'
;MFVFLVLLPLVSSQCVNLTTRTQLPPAYTNSFTRGVYYPDKVFRSSVLHSTQDLFLPFFSNVTWFHAIHVSGTNGTKRFD
NPVLPFNDGVYFASTEKSNIIRGWIFGTTLDSKTQSLLIVNNATNVVIKVCEFQFCNDPFLGVYYHKNNKSWMESEFRVY
SSANNCTFEYVSQPFLMDLEGKQGNFKNLREFVFKNIDGYFKIYSKHTPINLVRDLPQGFSALEPLVDLPIGINITRFQT
LLALHRSYLTPGDSSSGWTAGAAAYYVGYLQPRTFLLKYNENGTITDAVDCALDPLSETKCTLKSFTVEKGIYQTSNFRV
QPTESIVRFPNITNLCPFGEVFNATRFASVYAWNRKRISNCVADYSVLYNSASFSTFKCYGVSPTKLNDLCFTNVYADSF
VIRGDEVRQIAPGQTGKIADYNYKLPDDFTGCVIAWNSNNLDSKVGGNYNYLYRLFRKSNLKPFERDISTEIYQAGSTPC
NGVEGFNCYFPLQSYGFQPTNGVGYQPYRVVVLSFELLHAPATVCGPKKSTNLVKNKCVNFNFNGLTGTGVLTESNKKFL
PFQQFGRDIADTTDAVRDPQTLEILDITPCSFGGVSVITPGTNTSNQVAVLYQDVNCTEVPVAIHADQLTPTWRVYSTGS
NVFQTRAGCLIGAEHVNNSYECDIPIGAGICASYQTQTNSPGSASSVASQSIIAYTMSLGAENSVAYSNNSIAIPTNFTI
SVTTEILPVSMTKTSVDCTMYICGDSTECSNLLLQYGSFCTQLNRALTGIAVEQDKNTQEVFAQVKQIYKTPPIKDFGGF
NFSQILPDPSKPSKRSFIEDLLFNKVTLADAGFIKQYGDCLGDIAARDLICAQKFNGLTVLPPLLTDEMIAQYTSALLAG
TITSGWTFGAGAALQIPFAMQMAYRFNGIGVTQNVLYENQKLIANQFNSAIGKIQDSLSSTASALGKLQDVVNQNAQALN
TLVKQLSSNFGAISSVLNDILSRLDPPEAEVQIDRLITGRLQSLQTYVTQQLIRAAEIRASANLAATKMSECVLGQSKRV
DFCGKGYHLMSFPQSAPHGVVFLHVTYVPAQEKNFTTAPAICHDGKAHFPREGVFVSNGTHWFVTQRNFYEPQIITTDNT
FVSGNCDVVIGIVNNTVYDPLQPELDSFKEELDKYFKNHTSPDVDLGDISGINASVVNIQKEIDRLNEVAKNLNESLIDL
QELGKYEQEFGSGGYIPEAPRDGQAYVRKDGEWVLLSTFLKGQDNSADIQHSGRPLESRGPFEQKLISEEDLNMHTGHHH
HHH
;
A
2 'polypeptide(L)'
;EVQLEESGGGLVKPGGSLKLSCAASGFTFSSYTMSWVRQSPEKRLEWVAEISSGGTYTNYPDTATGRFTISRDNAKNTLY
LEMSSLRSEDTAMYYCANFGNYEEIAYWGQGTLVTVSAASTKGPSVFPLAPSSKSTSGGTAALGCLVKDYFPEPVTVSWN
SGALTSGVHTFPAVLQSSGLYSLSSVVTVPSSSLGTQTYICNVNHKPSNTKVDKKVEPKSCDKTHTCPPCPAPELLGGPS
VFLFPPKPKDTLMISRTPEVTCVVVDVSHEDPEVKFNWYVDGVEVHNAKTKPREEQYNSTYRVVSVLTVLHQDWLNGKEY
KCKVSNKALPAPIEKTISKAKGQPREPQVYTLPPSRDELTKNQVSLTCLVKGFYPSDIAVEWESNGQPENNYKTTPPVLD
SDGSFFLYSKLTVDKSRWQQGNVFSCSVMHEALHNHYTQKSLSLSPG
;
H
3 'polypeptide(L)'
;QIVLTQSPAIMSVSLGERVTMTCTASSSVSSSYLHWYQQKPGSSPKLWIYSTSNLASGVPARFSGSGSGTSYSLTISSME
AEDAATYYCHQYHRSPYTFGGGTKLEIKRTVAAPSVFIFPPSDEQLKSGTASVVCLLNNFYPREAKVQWKVDNALQSGNS
QESVTEQDSKDSTYSLSSTLTLSKADYEKHKVYACEVTHQGLSSPVTKSFNRGEC
;
L
#
# COMPACT_ATOMS: atom_id res chain seq x y z
N PRO A 330 -37.05 -8.49 33.94
CA PRO A 330 -37.66 -9.63 33.23
C PRO A 330 -36.68 -10.74 32.93
N ASN A 331 -37.20 -11.97 32.98
CA ASN A 331 -36.42 -13.20 32.85
C ASN A 331 -35.58 -13.24 31.59
N ILE A 332 -36.22 -13.23 30.43
CA ILE A 332 -35.54 -13.35 29.15
C ILE A 332 -35.59 -12.00 28.45
N THR A 333 -34.43 -11.55 27.97
CA THR A 333 -34.30 -10.28 27.29
C THR A 333 -34.00 -10.52 25.81
N ASN A 334 -34.65 -9.73 24.95
CA ASN A 334 -34.44 -9.84 23.52
C ASN A 334 -33.04 -9.39 23.14
N LEU A 335 -32.47 -10.03 22.13
CA LEU A 335 -31.15 -9.70 21.65
C LEU A 335 -31.16 -9.70 20.13
N CYS A 336 -30.29 -8.88 19.54
CA CYS A 336 -30.15 -8.79 18.10
C CYS A 336 -28.78 -9.31 17.66
N PRO A 337 -28.68 -9.90 16.47
CA PRO A 337 -27.43 -10.57 16.06
C PRO A 337 -26.35 -9.62 15.53
N PHE A 338 -25.59 -9.04 16.46
CA PHE A 338 -24.39 -8.30 16.06
C PHE A 338 -23.29 -9.24 15.58
N GLY A 339 -23.37 -10.52 15.95
CA GLY A 339 -22.35 -11.46 15.53
C GLY A 339 -22.27 -11.62 14.03
N GLU A 340 -23.43 -11.78 13.37
CA GLU A 340 -23.43 -11.96 11.93
C GLU A 340 -22.87 -10.73 11.21
N VAL A 341 -23.10 -9.54 11.76
CA VAL A 341 -22.44 -8.35 11.24
C VAL A 341 -20.93 -8.44 11.42
N PHE A 342 -20.50 -8.81 12.63
CA PHE A 342 -19.07 -8.93 12.91
C PHE A 342 -18.48 -10.25 12.43
N ASN A 343 -19.30 -11.24 12.10
CA ASN A 343 -18.84 -12.51 11.54
C ASN A 343 -19.61 -12.78 10.25
N ALA A 344 -19.11 -12.23 9.16
CA ALA A 344 -19.71 -12.40 7.84
C ALA A 344 -18.65 -12.84 6.84
N THR A 345 -19.04 -13.68 5.89
CA THR A 345 -18.10 -14.21 4.92
C THR A 345 -17.58 -13.13 3.98
N ARG A 346 -18.44 -12.22 3.53
CA ARG A 346 -18.06 -11.25 2.52
C ARG A 346 -18.49 -9.86 2.96
N PHE A 347 -17.64 -8.87 2.69
CA PHE A 347 -17.92 -7.47 2.94
C PHE A 347 -17.87 -6.68 1.65
N ALA A 348 -18.60 -5.58 1.63
CA ALA A 348 -18.67 -4.72 0.46
C ALA A 348 -17.47 -3.78 0.41
N SER A 349 -17.16 -3.31 -0.80
CA SER A 349 -16.08 -2.36 -0.99
C SER A 349 -16.45 -1.00 -0.41
N VAL A 350 -15.46 -0.12 -0.30
CA VAL A 350 -15.68 1.15 0.38
C VAL A 350 -16.56 2.08 -0.47
N TYR A 351 -16.37 2.09 -1.79
CA TYR A 351 -17.13 3.02 -2.62
C TYR A 351 -18.61 2.66 -2.63
N ALA A 352 -18.95 1.41 -2.33
CA ALA A 352 -20.33 1.00 -2.08
C ALA A 352 -20.34 0.35 -0.69
N TRP A 353 -20.44 1.18 0.33
CA TRP A 353 -20.32 0.74 1.73
C TRP A 353 -21.63 0.12 2.18
N ASN A 354 -21.54 -1.01 2.88
CA ASN A 354 -22.75 -1.69 3.33
C ASN A 354 -23.33 -0.97 4.54
N ARG A 355 -24.63 -0.69 4.49
CA ARG A 355 -25.33 0.01 5.56
C ARG A 355 -26.48 -0.84 6.05
N LYS A 356 -26.59 -0.98 7.38
CA LYS A 356 -27.62 -1.80 7.98
C LYS A 356 -28.22 -1.07 9.17
N ARG A 357 -29.48 -1.38 9.46
CA ARG A 357 -30.23 -0.78 10.56
C ARG A 357 -30.56 -1.84 11.59
N ILE A 358 -30.32 -1.53 12.86
CA ILE A 358 -30.60 -2.45 13.97
C ILE A 358 -31.55 -1.76 14.94
N SER A 359 -32.66 -2.42 15.26
CA SER A 359 -33.66 -1.84 16.14
C SER A 359 -34.38 -2.95 16.91
N ASN A 360 -34.99 -2.55 18.03
CA ASN A 360 -35.82 -3.43 18.84
C ASN A 360 -35.03 -4.65 19.31
N CYS A 361 -33.97 -4.39 20.07
CA CYS A 361 -33.13 -5.45 20.62
C CYS A 361 -32.40 -4.90 21.83
N VAL A 362 -31.77 -5.80 22.56
CA VAL A 362 -30.87 -5.45 23.66
C VAL A 362 -29.60 -6.26 23.44
N ALA A 363 -28.55 -5.60 22.96
CA ALA A 363 -27.28 -6.25 22.66
C ALA A 363 -26.20 -5.70 23.58
N ASP A 364 -25.50 -6.61 24.26
CA ASP A 364 -24.42 -6.18 25.14
C ASP A 364 -23.26 -5.63 24.32
N TYR A 365 -22.69 -4.52 24.81
CA TYR A 365 -21.52 -3.92 24.18
C TYR A 365 -20.22 -4.26 24.90
N SER A 366 -20.29 -4.82 26.11
CA SER A 366 -19.08 -5.18 26.83
C SER A 366 -18.29 -6.26 26.09
N VAL A 367 -18.98 -7.24 25.53
CA VAL A 367 -18.32 -8.36 24.88
C VAL A 367 -17.45 -7.92 23.72
N LEU A 368 -17.68 -6.72 23.17
CA LEU A 368 -16.92 -6.26 22.02
C LEU A 368 -15.53 -5.81 22.44
N TYR A 369 -15.44 -4.77 23.26
CA TYR A 369 -14.13 -4.26 23.67
C TYR A 369 -13.44 -5.16 24.69
N ASN A 370 -14.14 -6.14 25.26
CA ASN A 370 -13.50 -7.11 26.12
C ASN A 370 -12.80 -8.21 25.34
N SER A 371 -13.03 -8.31 24.04
CA SER A 371 -12.36 -9.30 23.21
C SER A 371 -10.97 -8.81 22.83
N ALA A 372 -10.21 -9.65 22.14
CA ALA A 372 -8.85 -9.33 21.72
C ALA A 372 -8.67 -9.24 20.21
N SER A 373 -9.59 -9.80 19.43
CA SER A 373 -9.43 -9.78 17.98
C SER A 373 -9.54 -8.37 17.42
N PHE A 374 -10.38 -7.53 18.01
CA PHE A 374 -10.58 -6.17 17.53
C PHE A 374 -9.33 -5.34 17.83
N SER A 375 -8.50 -5.13 16.81
CA SER A 375 -7.25 -4.41 17.01
C SER A 375 -7.49 -2.97 17.43
N THR A 376 -8.46 -2.30 16.79
CA THR A 376 -8.73 -0.90 17.05
C THR A 376 -10.17 -0.74 17.50
N PHE A 377 -10.36 -0.12 18.67
CA PHE A 377 -11.68 0.20 19.22
C PHE A 377 -11.63 1.67 19.60
N LYS A 378 -11.94 2.54 18.65
CA LYS A 378 -11.72 3.98 18.80
C LYS A 378 -13.05 4.72 18.79
N CYS A 379 -13.28 5.53 19.83
CA CYS A 379 -14.41 6.44 19.94
C CYS A 379 -14.32 7.24 21.23
N TYR A 380 -14.93 8.42 21.19
CA TYR A 380 -14.73 9.45 22.20
C TYR A 380 -16.05 9.90 22.80
N GLY A 381 -17.13 9.86 22.00
CA GLY A 381 -18.42 10.35 22.45
C GLY A 381 -18.97 9.63 23.65
N VAL A 382 -18.55 8.39 23.87
CA VAL A 382 -19.00 7.61 25.02
C VAL A 382 -17.94 6.56 25.33
N SER A 383 -17.65 6.39 26.61
CA SER A 383 -16.66 5.42 27.02
C SER A 383 -17.20 4.01 26.87
N PRO A 384 -16.32 3.02 26.70
CA PRO A 384 -16.80 1.63 26.62
C PRO A 384 -17.55 1.17 27.87
N THR A 385 -17.17 1.69 29.04
CA THR A 385 -17.79 1.23 30.29
C THR A 385 -19.27 1.55 30.33
N LYS A 386 -19.66 2.75 29.91
CA LYS A 386 -21.04 3.19 29.98
C LYS A 386 -21.80 2.97 28.67
N LEU A 387 -21.27 2.16 27.76
CA LEU A 387 -22.04 1.75 26.59
C LEU A 387 -23.30 1.02 26.99
N ASN A 388 -23.17 0.02 27.85
CA ASN A 388 -24.34 -0.75 28.27
C ASN A 388 -25.22 0.04 29.23
N ASP A 389 -24.64 1.03 29.92
CA ASP A 389 -25.42 1.83 30.87
C ASP A 389 -26.47 2.67 30.15
N LEU A 390 -26.12 3.25 29.01
CA LEU A 390 -27.02 4.14 28.29
C LEU A 390 -27.93 3.34 27.36
N CYS A 391 -29.00 4.00 26.92
CA CYS A 391 -29.93 3.46 25.94
C CYS A 391 -29.96 4.39 24.73
N PHE A 392 -30.14 3.81 23.55
CA PHE A 392 -30.01 4.55 22.30
C PHE A 392 -31.20 4.24 21.39
N THR A 393 -31.22 4.92 20.24
CA THR A 393 -32.26 4.74 19.24
C THR A 393 -31.64 4.91 17.86
N ASN A 394 -32.18 4.17 16.88
CA ASN A 394 -31.76 4.25 15.49
C ASN A 394 -30.28 3.92 15.33
N VAL A 395 -29.95 2.66 15.64
CA VAL A 395 -28.58 2.17 15.49
C VAL A 395 -28.33 1.82 14.03
N TYR A 396 -27.27 2.37 13.46
CA TYR A 396 -26.87 2.14 12.09
C TYR A 396 -25.44 1.63 12.07
N ALA A 397 -25.19 0.62 11.23
CA ALA A 397 -23.88 0.01 11.08
C ALA A 397 -23.40 0.14 9.66
N ASP A 398 -22.14 0.55 9.51
CA ASP A 398 -21.50 0.68 8.20
C ASP A 398 -20.31 -0.26 8.14
N SER A 399 -20.24 -1.05 7.08
CA SER A 399 -19.23 -2.08 6.93
C SER A 399 -18.54 -1.96 5.58
N PHE A 400 -17.21 -2.12 5.59
CA PHE A 400 -16.42 -2.15 4.37
C PHE A 400 -15.03 -2.67 4.70
N VAL A 401 -14.23 -2.85 3.65
CA VAL A 401 -12.87 -3.35 3.71
C VAL A 401 -11.96 -2.36 3.02
N ILE A 402 -10.88 -1.95 3.69
CA ILE A 402 -9.96 -0.93 3.17
C ILE A 402 -8.53 -1.42 3.31
N ARG A 403 -7.60 -0.59 2.86
CA ARG A 403 -6.18 -0.85 3.08
C ARG A 403 -5.77 -0.34 4.46
N GLY A 404 -4.82 -1.05 5.07
CA GLY A 404 -4.49 -0.76 6.46
C GLY A 404 -3.94 0.63 6.68
N ASP A 405 -3.01 1.05 5.84
CA ASP A 405 -2.27 2.30 6.05
C ASP A 405 -3.17 3.54 6.07
N GLU A 406 -4.48 3.44 5.84
CA GLU A 406 -5.35 4.61 5.87
C GLU A 406 -6.47 4.46 6.90
N VAL A 407 -6.31 3.54 7.87
CA VAL A 407 -7.32 3.39 8.91
C VAL A 407 -7.48 4.68 9.70
N ARG A 408 -6.42 5.49 9.78
CA ARG A 408 -6.51 6.77 10.46
C ARG A 408 -7.52 7.69 9.79
N GLN A 409 -7.71 7.56 8.48
CA GLN A 409 -8.57 8.47 7.74
C GLN A 409 -10.03 8.35 8.11
N ILE A 410 -10.43 7.29 8.81
CA ILE A 410 -11.82 7.11 9.23
C ILE A 410 -11.93 7.72 10.63
N ALA A 411 -12.26 9.00 10.68
CA ALA A 411 -12.39 9.74 11.93
C ALA A 411 -13.13 11.04 11.64
N PRO A 412 -13.67 11.70 12.66
CA PRO A 412 -14.34 12.98 12.43
C PRO A 412 -13.36 14.05 11.97
N GLY A 413 -13.61 14.59 10.78
CA GLY A 413 -12.85 15.71 10.27
C GLY A 413 -11.45 15.40 9.77
N GLN A 414 -11.34 14.58 8.74
CA GLN A 414 -10.06 14.30 8.09
C GLN A 414 -10.27 14.26 6.58
N THR A 415 -9.18 14.46 5.85
CA THR A 415 -9.18 14.49 4.40
C THR A 415 -8.60 13.19 3.86
N GLY A 416 -8.44 13.13 2.54
CA GLY A 416 -7.94 11.95 1.87
C GLY A 416 -8.91 11.44 0.83
N LYS A 417 -8.41 10.52 0.00
CA LYS A 417 -9.22 9.96 -1.08
C LYS A 417 -10.43 9.22 -0.51
N ILE A 418 -10.20 8.35 0.46
CA ILE A 418 -11.30 7.61 1.07
C ILE A 418 -12.19 8.53 1.91
N ALA A 419 -11.61 9.57 2.50
CA ALA A 419 -12.36 10.47 3.35
C ALA A 419 -13.10 11.55 2.57
N ASP A 420 -12.94 11.60 1.26
CA ASP A 420 -13.60 12.64 0.47
C ASP A 420 -14.45 12.08 -0.66
N TYR A 421 -14.00 11.01 -1.31
CA TYR A 421 -14.67 10.50 -2.50
C TYR A 421 -15.33 9.15 -2.31
N ASN A 422 -15.10 8.48 -1.18
CA ASN A 422 -15.68 7.18 -0.91
C ASN A 422 -16.52 7.11 0.34
N TYR A 423 -16.29 7.99 1.31
CA TYR A 423 -17.02 8.00 2.58
C TYR A 423 -16.74 9.32 3.27
N LYS A 424 -17.74 9.80 4.01
CA LYS A 424 -17.62 11.06 4.75
C LYS A 424 -18.05 10.85 6.18
N LEU A 425 -17.31 11.44 7.11
CA LEU A 425 -17.62 11.36 8.53
C LEU A 425 -17.79 12.75 9.10
N PRO A 426 -19.00 13.16 9.48
CA PRO A 426 -19.17 14.48 10.09
C PRO A 426 -18.48 14.57 11.44
N ASP A 427 -18.02 15.77 11.77
CA ASP A 427 -17.32 15.98 13.05
C ASP A 427 -18.24 15.72 14.22
N ASP A 428 -19.49 16.18 14.14
CA ASP A 428 -20.47 15.92 15.19
C ASP A 428 -20.97 14.48 15.12
N PHE A 429 -20.07 13.53 15.39
CA PHE A 429 -20.36 12.11 15.25
C PHE A 429 -20.58 11.49 16.62
N THR A 430 -21.71 10.79 16.77
CA THR A 430 -22.07 10.12 18.02
C THR A 430 -22.11 8.62 17.72
N GLY A 431 -20.96 7.97 17.83
CA GLY A 431 -20.87 6.54 17.57
C GLY A 431 -19.53 5.98 17.99
N CYS A 432 -19.10 4.92 17.32
CA CYS A 432 -17.83 4.29 17.68
C CYS A 432 -17.31 3.53 16.47
N VAL A 433 -16.02 3.18 16.51
CA VAL A 433 -15.33 2.60 15.37
C VAL A 433 -14.60 1.35 15.82
N ILE A 434 -14.73 0.26 15.06
CA ILE A 434 -14.01 -0.97 15.30
C ILE A 434 -13.31 -1.37 14.01
N ALA A 435 -12.04 -1.73 14.11
CA ALA A 435 -11.28 -2.12 12.94
C ALA A 435 -10.37 -3.29 13.30
N TRP A 436 -10.30 -4.28 12.41
CA TRP A 436 -9.42 -5.41 12.69
C TRP A 436 -8.91 -6.02 11.40
N ASN A 437 -7.80 -6.74 11.52
CA ASN A 437 -7.12 -7.32 10.37
C ASN A 437 -7.90 -8.50 9.81
N SER A 438 -7.85 -8.64 8.50
CA SER A 438 -8.45 -9.77 7.78
C SER A 438 -7.47 -10.29 6.74
N ASN A 439 -6.21 -10.45 7.15
CA ASN A 439 -5.17 -10.87 6.22
C ASN A 439 -5.44 -12.26 5.67
N ASN A 440 -5.86 -13.19 6.51
CA ASN A 440 -6.10 -14.56 6.11
C ASN A 440 -7.50 -14.78 5.55
N LEU A 441 -8.33 -13.73 5.49
CA LEU A 441 -9.67 -13.86 4.95
C LEU A 441 -9.86 -13.20 3.59
N ASP A 442 -8.94 -12.33 3.18
CA ASP A 442 -9.06 -11.62 1.92
C ASP A 442 -7.87 -11.82 0.99
N SER A 443 -6.90 -12.64 1.37
CA SER A 443 -5.69 -12.81 0.59
C SER A 443 -5.93 -13.75 -0.59
N LYS A 444 -4.88 -13.98 -1.37
CA LYS A 444 -4.94 -14.89 -2.51
C LYS A 444 -5.14 -16.33 -2.04
N GLY A 447 -2.60 -12.36 -6.80
CA GLY A 447 -3.57 -12.74 -5.80
C GLY A 447 -4.90 -12.02 -5.99
N ASN A 448 -5.56 -11.71 -4.88
CA ASN A 448 -6.85 -11.01 -4.92
C ASN A 448 -6.77 -9.72 -5.73
N TYR A 449 -7.75 -9.52 -6.57
CA TYR A 449 -7.72 -8.31 -7.33
C TYR A 449 -9.11 -7.68 -7.21
N ASN A 450 -10.14 -8.50 -7.10
CA ASN A 450 -11.50 -7.99 -7.03
C ASN A 450 -11.69 -7.02 -5.86
N TYR A 451 -11.28 -5.77 -6.07
CA TYR A 451 -11.42 -4.73 -5.05
C TYR A 451 -11.38 -3.36 -5.72
N LEU A 452 -12.37 -2.54 -5.43
CA LEU A 452 -12.43 -1.20 -6.03
C LEU A 452 -12.77 -0.09 -5.03
N TYR A 453 -12.55 1.14 -5.47
CA TYR A 453 -12.80 2.33 -4.67
C TYR A 453 -12.83 3.55 -5.57
N ARG A 454 -13.55 4.58 -5.14
CA ARG A 454 -13.68 5.79 -5.93
C ARG A 454 -12.41 6.63 -5.85
N LEU A 455 -11.90 7.02 -7.02
CA LEU A 455 -10.67 7.80 -7.12
C LEU A 455 -10.92 9.25 -7.49
N PHE A 456 -11.79 9.52 -8.46
CA PHE A 456 -12.09 10.86 -8.91
C PHE A 456 -13.55 11.20 -8.68
N ARG A 457 -13.80 12.40 -8.18
CA ARG A 457 -15.15 12.89 -7.92
C ARG A 457 -15.13 14.41 -8.03
N LYS A 458 -16.30 14.99 -8.28
CA LYS A 458 -16.39 16.44 -8.48
C LYS A 458 -15.92 17.20 -7.24
N SER A 459 -16.38 16.79 -6.07
CA SER A 459 -16.05 17.49 -4.83
C SER A 459 -16.27 16.53 -3.66
N ASN A 460 -16.29 17.09 -2.45
CA ASN A 460 -16.53 16.29 -1.25
C ASN A 460 -17.96 15.78 -1.23
N LEU A 461 -18.28 14.99 -0.21
CA LEU A 461 -19.59 14.39 -0.06
C LEU A 461 -20.24 14.85 1.24
N LYS A 462 -21.57 14.84 1.26
CA LYS A 462 -22.30 15.13 2.48
C LYS A 462 -22.19 13.94 3.44
N PRO A 463 -22.41 14.17 4.74
CA PRO A 463 -22.23 13.09 5.71
C PRO A 463 -23.09 11.87 5.38
N PHE A 464 -22.49 10.69 5.50
CA PHE A 464 -23.14 9.40 5.29
C PHE A 464 -23.67 9.24 3.87
N GLU A 465 -23.11 9.97 2.91
CA GLU A 465 -23.54 9.86 1.53
C GLU A 465 -23.02 8.57 0.91
N ARG A 466 -23.84 7.97 0.05
CA ARG A 466 -23.45 6.79 -0.72
C ARG A 466 -23.13 7.23 -2.13
N ASP A 467 -21.84 7.17 -2.50
CA ASP A 467 -21.37 7.68 -3.78
C ASP A 467 -21.24 6.50 -4.74
N ILE A 468 -22.30 6.27 -5.53
CA ILE A 468 -22.30 5.26 -6.57
C ILE A 468 -22.53 5.94 -7.91
N SER A 469 -21.64 5.68 -8.86
CA SER A 469 -21.71 6.26 -10.20
C SER A 469 -20.65 5.59 -11.06
N THR A 470 -20.70 5.87 -12.37
CA THR A 470 -19.71 5.37 -13.30
C THR A 470 -19.65 6.34 -14.47
N GLU A 471 -18.63 7.20 -14.48
CA GLU A 471 -18.47 8.19 -15.54
C GLU A 471 -16.98 8.35 -15.84
N ILE A 472 -16.69 8.78 -17.06
CA ILE A 472 -15.32 8.99 -17.52
C ILE A 472 -14.97 10.44 -17.21
N TYR A 473 -14.31 10.65 -16.07
CA TYR A 473 -13.93 12.01 -15.68
C TYR A 473 -12.85 12.53 -16.61
N GLN A 474 -12.98 13.80 -17.00
CA GLN A 474 -12.08 14.44 -17.94
C GLN A 474 -11.27 15.51 -17.22
N ALA A 475 -9.96 15.48 -17.39
CA ALA A 475 -9.06 16.44 -16.77
C ALA A 475 -8.87 17.70 -17.61
N GLY A 476 -9.79 17.98 -18.52
CA GLY A 476 -9.71 19.15 -19.36
C GLY A 476 -11.08 19.61 -19.77
N SER A 477 -11.16 20.25 -20.94
CA SER A 477 -12.42 20.74 -21.47
C SER A 477 -12.93 19.96 -22.66
N THR A 478 -12.08 19.18 -23.32
CA THR A 478 -12.53 18.39 -24.45
C THR A 478 -13.45 17.27 -23.97
N PRO A 479 -14.63 17.11 -24.58
CA PRO A 479 -15.58 16.07 -24.12
C PRO A 479 -15.27 14.73 -24.75
N CYS A 480 -14.96 13.74 -23.91
CA CYS A 480 -14.77 12.37 -24.34
C CYS A 480 -15.83 11.48 -23.71
N ASN A 481 -16.47 10.66 -24.52
CA ASN A 481 -17.53 9.76 -24.05
C ASN A 481 -17.36 8.40 -24.69
N GLY A 482 -17.83 7.38 -23.99
CA GLY A 482 -17.79 6.02 -24.49
C GLY A 482 -16.55 5.25 -24.11
N VAL A 483 -15.37 5.77 -24.49
CA VAL A 483 -14.11 5.08 -24.26
C VAL A 483 -13.12 6.04 -23.63
N GLU A 484 -12.18 5.49 -22.86
CA GLU A 484 -11.13 6.28 -22.26
C GLU A 484 -10.17 6.82 -23.31
N GLY A 485 -9.56 7.96 -23.00
CA GLY A 485 -8.61 8.56 -23.90
C GLY A 485 -7.65 9.46 -23.15
N PHE A 486 -7.02 10.37 -23.89
CA PHE A 486 -6.13 11.34 -23.29
C PHE A 486 -6.90 12.23 -22.32
N ASN A 487 -6.31 12.47 -21.14
CA ASN A 487 -6.91 13.26 -20.06
C ASN A 487 -8.30 12.74 -19.65
N CYS A 488 -8.64 11.53 -20.09
CA CYS A 488 -9.88 10.87 -19.70
C CYS A 488 -9.54 9.71 -18.80
N TYR A 489 -10.08 9.71 -17.59
CA TYR A 489 -9.61 8.84 -16.52
C TYR A 489 -10.73 7.95 -16.01
N PHE A 490 -10.38 6.74 -15.58
CA PHE A 490 -11.36 5.79 -15.07
C PHE A 490 -11.59 6.05 -13.58
N PRO A 491 -12.84 6.19 -13.15
CA PRO A 491 -13.10 6.66 -11.77
C PRO A 491 -12.63 5.71 -10.68
N LEU A 492 -12.53 4.41 -10.94
CA LEU A 492 -12.26 3.43 -9.90
C LEU A 492 -10.83 2.91 -9.99
N GLN A 493 -10.44 2.15 -8.97
CA GLN A 493 -9.13 1.51 -8.91
C GLN A 493 -9.19 0.35 -7.94
N SER A 494 -8.36 -0.66 -8.19
CA SER A 494 -8.38 -1.89 -7.42
C SER A 494 -7.26 -1.89 -6.37
N TYR A 495 -7.23 -2.96 -5.57
CA TYR A 495 -6.25 -3.13 -4.50
C TYR A 495 -5.52 -4.44 -4.68
N GLY A 496 -4.20 -4.41 -4.57
CA GLY A 496 -3.39 -5.61 -4.64
C GLY A 496 -3.12 -6.24 -3.29
N PHE A 497 -4.15 -6.86 -2.69
CA PHE A 497 -3.99 -7.45 -1.37
C PHE A 497 -3.23 -8.76 -1.42
N GLN A 498 -1.92 -8.68 -1.66
CA GLN A 498 -1.09 -9.88 -1.72
C GLN A 498 -0.99 -10.50 -0.33
N PRO A 499 -1.02 -11.83 -0.23
CA PRO A 499 -0.92 -12.48 1.09
C PRO A 499 0.39 -12.22 1.82
N THR A 500 1.45 -11.84 1.10
CA THR A 500 2.77 -11.66 1.69
C THR A 500 3.15 -10.18 1.77
N ASN A 501 2.18 -9.32 2.08
CA ASN A 501 2.44 -7.91 2.27
C ASN A 501 2.74 -7.61 3.73
N GLY A 502 3.35 -6.45 3.97
CA GLY A 502 3.65 -6.01 5.31
C GLY A 502 2.51 -5.23 5.94
N VAL A 503 2.81 -4.62 7.08
CA VAL A 503 1.82 -3.81 7.78
C VAL A 503 1.48 -2.58 6.97
N GLY A 504 0.21 -2.22 6.96
CA GLY A 504 -0.28 -1.08 6.20
C GLY A 504 -0.79 -1.42 4.82
N TYR A 505 -0.40 -2.58 4.29
CA TYR A 505 -0.88 -3.03 2.99
C TYR A 505 -1.86 -4.19 3.09
N GLN A 506 -1.95 -4.84 4.25
CA GLN A 506 -2.91 -5.91 4.43
C GLN A 506 -4.32 -5.32 4.55
N PRO A 507 -5.33 -5.97 3.96
CA PRO A 507 -6.70 -5.45 4.08
C PRO A 507 -7.20 -5.50 5.51
N TYR A 508 -7.91 -4.45 5.90
CA TYR A 508 -8.53 -4.33 7.22
C TYR A 508 -10.03 -4.16 7.07
N ARG A 509 -10.78 -4.81 7.94
CA ARG A 509 -12.23 -4.71 7.96
C ARG A 509 -12.64 -3.67 9.00
N VAL A 510 -13.52 -2.76 8.61
CA VAL A 510 -13.91 -1.63 9.45
C VAL A 510 -15.42 -1.64 9.62
N VAL A 511 -15.87 -1.49 10.86
CA VAL A 511 -17.29 -1.35 11.19
C VAL A 511 -17.46 -0.07 11.99
N VAL A 512 -18.36 0.80 11.52
CA VAL A 512 -18.64 2.08 12.16
C VAL A 512 -20.08 2.04 12.65
N LEU A 513 -20.28 2.33 13.93
CA LEU A 513 -21.60 2.33 14.54
C LEU A 513 -22.01 3.75 14.84
N SER A 514 -23.24 4.11 14.47
CA SER A 514 -23.81 5.41 14.76
C SER A 514 -25.22 5.24 15.32
N PHE A 515 -25.70 6.27 16.00
CA PHE A 515 -27.02 6.20 16.63
C PHE A 515 -27.43 7.61 17.07
N GLU A 516 -28.64 7.70 17.60
CA GLU A 516 -29.15 8.92 18.22
C GLU A 516 -29.55 8.62 19.66
N LEU A 517 -29.50 9.64 20.50
CA LEU A 517 -29.70 9.46 21.94
C LEU A 517 -31.19 9.61 22.27
N LEU A 518 -31.95 8.58 21.93
CA LEU A 518 -33.35 8.43 22.34
C LEU A 518 -34.20 9.64 21.92
N HIS A 519 -33.98 10.12 20.70
CA HIS A 519 -34.81 11.18 20.15
C HIS A 519 -36.25 10.73 19.93
N ALA A 520 -36.49 9.43 19.89
CA ALA A 520 -37.80 8.83 19.74
C ALA A 520 -38.05 7.92 20.94
N PRO A 521 -39.22 7.28 21.07
CA PRO A 521 -39.38 6.27 22.13
C PRO A 521 -38.31 5.20 22.03
N ALA A 522 -37.82 4.76 23.19
CA ALA A 522 -36.65 3.90 23.26
C ALA A 522 -36.86 2.62 22.46
N THR A 523 -35.82 2.23 21.71
CA THR A 523 -35.85 1.04 20.88
C THR A 523 -34.83 -0.01 21.30
N VAL A 524 -33.58 0.38 21.51
CA VAL A 524 -32.52 -0.54 21.91
C VAL A 524 -31.82 0.01 23.14
N CYS A 525 -31.87 -0.73 24.24
CA CYS A 525 -31.25 -0.36 25.50
C CYS A 525 -30.17 -1.36 25.87
N GLY A 526 -29.51 -1.11 26.99
CA GLY A 526 -28.50 -2.01 27.50
C GLY A 526 -29.10 -3.12 28.34
N PRO A 527 -28.28 -4.13 28.62
CA PRO A 527 -28.75 -5.27 29.44
C PRO A 527 -28.88 -4.87 30.90
N LYS A 528 -30.03 -5.18 31.50
CA LYS A 528 -30.27 -4.85 32.89
C LYS A 528 -29.81 -5.97 33.81
N LYS A 529 -29.18 -5.59 34.91
CA LYS A 529 -28.66 -6.56 35.87
C LYS A 529 -29.79 -7.10 36.74
N SER A 530 -29.53 -8.27 37.34
CA SER A 530 -30.49 -8.92 38.21
C SER A 530 -29.74 -9.57 39.37
N GLU B 1 18.34 3.46 11.02
CA GLU B 1 19.27 2.58 11.70
C GLU B 1 20.56 2.37 10.88
N VAL B 2 21.35 1.35 11.24
CA VAL B 2 22.72 1.23 10.75
C VAL B 2 22.75 0.73 9.31
N GLN B 3 21.57 0.57 8.71
CA GLN B 3 21.41 0.41 7.26
C GLN B 3 22.00 -0.90 6.73
N LEU B 4 21.42 -2.01 7.21
CA LEU B 4 21.36 -3.28 6.48
C LEU B 4 22.71 -3.70 5.89
N GLU B 5 23.64 -4.06 6.77
CA GLU B 5 24.91 -4.62 6.30
C GLU B 5 24.70 -5.96 5.62
N GLU B 6 25.16 -6.08 4.38
CA GLU B 6 25.10 -7.33 3.63
C GLU B 6 26.40 -8.10 3.79
N SER B 7 26.32 -9.42 3.63
CA SER B 7 27.50 -10.25 3.67
C SER B 7 28.41 -9.93 2.48
N GLY B 8 29.71 -9.92 2.75
CA GLY B 8 30.66 -9.58 1.71
C GLY B 8 30.66 -10.58 0.57
N GLY B 9 30.86 -10.06 -0.64
CA GLY B 9 30.85 -10.86 -1.85
C GLY B 9 32.25 -11.01 -2.42
N GLY B 10 32.31 -11.77 -3.50
CA GLY B 10 33.58 -12.01 -4.15
C GLY B 10 33.42 -12.84 -5.40
N LEU B 11 34.55 -13.12 -6.05
CA LEU B 11 34.58 -13.90 -7.27
C LEU B 11 34.39 -15.38 -6.96
N VAL B 12 33.61 -16.06 -7.81
CA VAL B 12 33.30 -17.47 -7.65
C VAL B 12 33.44 -18.16 -9.01
N LYS B 13 33.14 -19.45 -9.02
CA LYS B 13 33.24 -20.30 -10.20
C LYS B 13 31.86 -20.59 -10.78
N PRO B 14 31.75 -20.72 -12.10
CA PRO B 14 30.44 -21.03 -12.70
C PRO B 14 30.00 -22.46 -12.42
N GLY B 15 29.33 -22.65 -11.29
CA GLY B 15 28.98 -23.97 -10.81
C GLY B 15 28.96 -24.05 -9.30
N GLY B 16 29.41 -22.97 -8.65
CA GLY B 16 29.33 -22.86 -7.20
C GLY B 16 27.99 -22.28 -6.75
N SER B 17 27.96 -21.87 -5.48
CA SER B 17 26.76 -21.27 -4.89
C SER B 17 27.20 -20.34 -3.78
N LEU B 18 26.98 -19.04 -3.96
CA LEU B 18 27.32 -18.04 -2.97
C LEU B 18 26.10 -17.68 -2.14
N LYS B 19 26.35 -17.40 -0.86
CA LYS B 19 25.30 -17.08 0.10
C LYS B 19 25.40 -15.61 0.49
N LEU B 20 24.27 -14.91 0.47
CA LEU B 20 24.20 -13.51 0.87
C LEU B 20 23.38 -13.43 2.16
N SER B 21 23.99 -12.90 3.21
CA SER B 21 23.34 -12.76 4.51
C SER B 21 23.17 -11.28 4.82
N CYS B 22 21.93 -10.79 4.73
CA CYS B 22 21.62 -9.38 5.02
C CYS B 22 21.21 -9.27 6.47
N ALA B 23 22.20 -9.41 7.36
CA ALA B 23 21.96 -9.22 8.77
C ALA B 23 21.88 -7.73 9.11
N ALA B 24 21.07 -7.40 10.11
CA ALA B 24 20.87 -6.01 10.48
C ALA B 24 20.27 -5.94 11.87
N SER B 25 20.18 -4.71 12.39
CA SER B 25 19.56 -4.44 13.68
C SER B 25 19.21 -2.96 13.72
N GLY B 26 18.05 -2.65 14.29
CA GLY B 26 17.61 -1.27 14.38
C GLY B 26 16.11 -1.09 14.24
N PHE B 27 15.42 -2.11 13.77
CA PHE B 27 13.96 -2.09 13.74
C PHE B 27 13.45 -3.53 13.78
N THR B 28 12.17 -3.66 14.11
CA THR B 28 11.57 -4.98 14.31
C THR B 28 11.63 -5.81 13.04
N PHE B 29 12.01 -7.07 13.18
CA PHE B 29 12.11 -7.99 12.05
C PHE B 29 11.03 -9.07 12.09
N SER B 30 10.07 -8.95 13.00
CA SER B 30 8.92 -9.86 13.05
C SER B 30 7.76 -9.38 12.20
N SER B 31 7.82 -8.16 11.67
CA SER B 31 6.74 -7.61 10.87
C SER B 31 7.22 -6.86 9.64
N TYR B 32 8.51 -6.93 9.31
CA TYR B 32 9.07 -6.20 8.18
C TYR B 32 9.50 -7.22 7.13
N THR B 33 8.86 -7.16 5.95
CA THR B 33 9.20 -8.06 4.86
C THR B 33 10.41 -7.54 4.10
N MET B 34 11.45 -8.36 4.02
CA MET B 34 12.67 -7.99 3.32
C MET B 34 12.54 -8.29 1.84
N SER B 35 13.55 -7.87 1.07
CA SER B 35 13.57 -8.15 -0.36
C SER B 35 15.01 -8.08 -0.85
N TRP B 36 15.27 -8.79 -1.96
CA TRP B 36 16.57 -8.87 -2.58
C TRP B 36 16.43 -8.43 -4.03
N VAL B 37 17.25 -7.47 -4.43
CA VAL B 37 17.27 -6.94 -5.79
C VAL B 37 18.72 -6.99 -6.28
N ARG B 38 18.90 -7.10 -7.60
CA ARG B 38 20.24 -7.09 -8.18
C ARG B 38 20.28 -6.15 -9.37
N GLN B 39 21.47 -5.60 -9.62
CA GLN B 39 21.71 -4.75 -10.77
C GLN B 39 22.95 -5.24 -11.51
N SER B 40 22.78 -5.63 -12.76
CA SER B 40 23.92 -5.92 -13.61
C SER B 40 24.55 -4.60 -14.05
N PRO B 41 25.83 -4.62 -14.45
CA PRO B 41 26.50 -3.38 -14.85
C PRO B 41 25.77 -2.65 -15.98
N GLU B 42 25.23 -1.47 -15.66
CA GLU B 42 24.50 -0.63 -16.61
C GLU B 42 23.34 -1.40 -17.26
N LYS B 43 22.40 -1.78 -16.40
CA LYS B 43 21.20 -2.48 -16.86
C LYS B 43 20.10 -2.25 -15.84
N ARG B 44 18.86 -2.45 -16.28
CA ARG B 44 17.68 -2.18 -15.46
C ARG B 44 17.68 -3.05 -14.21
N LEU B 45 17.09 -2.51 -13.14
CA LEU B 45 16.96 -3.23 -11.89
C LEU B 45 16.01 -4.42 -12.05
N GLU B 46 16.12 -5.37 -11.12
CA GLU B 46 15.27 -6.55 -11.16
C GLU B 46 15.12 -7.10 -9.74
N TRP B 47 13.88 -7.24 -9.30
CA TRP B 47 13.58 -7.82 -7.99
C TRP B 47 13.95 -9.29 -8.00
N VAL B 48 14.98 -9.67 -7.25
CA VAL B 48 15.41 -11.06 -7.21
C VAL B 48 14.38 -11.90 -6.46
N ALA B 49 14.18 -11.61 -5.18
CA ALA B 49 13.31 -12.45 -4.37
C ALA B 49 13.06 -11.80 -3.02
N GLU B 50 11.83 -11.93 -2.52
CA GLU B 50 11.48 -11.29 -1.26
C GLU B 50 11.00 -12.34 -0.27
N ILE B 51 11.06 -11.97 1.01
CA ILE B 51 10.62 -12.83 2.09
C ILE B 51 9.54 -12.11 2.89
N SER B 52 8.67 -12.90 3.54
CA SER B 52 7.60 -12.37 4.36
C SER B 52 7.88 -12.72 5.81
N SER B 53 8.15 -11.70 6.63
CA SER B 53 8.47 -11.92 8.03
C SER B 53 7.23 -12.20 8.88
N GLY B 54 6.03 -11.90 8.38
CA GLY B 54 4.84 -12.17 9.15
C GLY B 54 4.65 -13.65 9.44
N GLY B 55 4.88 -14.50 8.44
CA GLY B 55 4.83 -15.93 8.62
C GLY B 55 6.01 -16.61 7.96
N THR B 56 7.01 -15.82 7.59
CA THR B 56 8.19 -16.29 6.87
C THR B 56 7.78 -17.04 5.61
N TYR B 57 7.14 -16.31 4.71
CA TYR B 57 6.64 -16.86 3.46
C TYR B 57 7.57 -16.52 2.31
N THR B 58 7.71 -17.46 1.37
CA THR B 58 8.61 -17.31 0.25
C THR B 58 7.82 -17.25 -1.05
N ASN B 59 8.06 -16.19 -1.82
CA ASN B 59 7.48 -16.06 -3.15
C ASN B 59 8.34 -15.06 -3.93
N TYR B 60 8.53 -15.36 -5.21
CA TYR B 60 9.51 -14.63 -6.02
C TYR B 60 9.25 -14.86 -7.50
N PRO B 61 9.80 -14.04 -8.40
CA PRO B 61 9.39 -14.10 -9.81
C PRO B 61 9.72 -15.43 -10.46
N ASP B 62 9.11 -15.63 -11.62
CA ASP B 62 9.19 -16.89 -12.35
C ASP B 62 10.31 -16.91 -13.38
N THR B 63 11.13 -15.87 -13.46
CA THR B 63 12.28 -15.89 -14.36
C THR B 63 13.27 -16.99 -13.98
N ALA B 64 13.29 -17.38 -12.71
CA ALA B 64 14.09 -18.51 -12.23
C ALA B 64 13.30 -19.14 -11.09
N THR B 65 12.49 -20.15 -11.44
CA THR B 65 11.47 -20.65 -10.52
C THR B 65 12.06 -21.49 -9.40
N GLY B 66 13.03 -22.36 -9.71
CA GLY B 66 13.49 -23.34 -8.75
C GLY B 66 14.90 -23.18 -8.24
N ARG B 67 15.57 -22.06 -8.51
CA ARG B 67 16.97 -21.90 -8.13
C ARG B 67 17.20 -20.75 -7.16
N PHE B 68 16.16 -20.27 -6.49
CA PHE B 68 16.29 -19.20 -5.50
C PHE B 68 15.74 -19.69 -4.17
N THR B 69 16.53 -19.57 -3.10
CA THR B 69 16.07 -19.96 -1.77
C THR B 69 16.41 -18.86 -0.76
N ILE B 70 15.44 -18.54 0.09
CA ILE B 70 15.59 -17.54 1.14
C ILE B 70 15.26 -18.18 2.48
N SER B 71 16.09 -17.90 3.49
CA SER B 71 15.85 -18.35 4.85
C SER B 71 15.97 -17.16 5.79
N ARG B 72 14.92 -16.90 6.55
CA ARG B 72 14.95 -15.82 7.52
C ARG B 72 15.28 -16.34 8.91
N ASP B 73 15.88 -15.48 9.73
CA ASP B 73 16.15 -15.82 11.12
C ASP B 73 15.92 -14.56 11.96
N ASN B 74 14.77 -14.49 12.61
CA ASN B 74 14.46 -13.34 13.46
C ASN B 74 15.25 -13.42 14.77
N ALA B 75 15.72 -14.61 15.14
CA ALA B 75 16.47 -14.79 16.38
C ALA B 75 17.73 -13.94 16.38
N LYS B 76 18.62 -14.17 15.43
CA LYS B 76 19.83 -13.36 15.28
C LYS B 76 19.70 -12.32 14.19
N ASN B 77 18.49 -12.13 13.64
CA ASN B 77 18.18 -11.02 12.73
C ASN B 77 19.04 -11.07 11.47
N THR B 78 18.93 -12.18 10.75
CA THR B 78 19.75 -12.42 9.57
C THR B 78 18.89 -12.96 8.44
N LEU B 79 19.30 -12.66 7.21
CA LEU B 79 18.53 -12.99 6.01
C LEU B 79 19.44 -13.70 5.01
N TYR B 80 19.30 -15.02 4.91
CA TYR B 80 20.07 -15.83 3.97
C TYR B 80 19.37 -15.91 2.62
N LEU B 81 20.14 -15.72 1.56
CA LEU B 81 19.67 -15.92 0.19
C LEU B 81 20.74 -16.66 -0.58
N GLU B 82 20.34 -17.71 -1.32
CA GLU B 82 21.30 -18.39 -2.16
C GLU B 82 20.63 -18.88 -3.44
N MET B 83 21.46 -19.11 -4.44
CA MET B 83 21.06 -19.65 -5.73
C MET B 83 21.86 -20.91 -6.03
N SER B 84 21.26 -21.78 -6.83
CA SER B 84 21.83 -23.08 -7.15
C SER B 84 22.45 -23.07 -8.53
N SER B 85 23.72 -23.48 -8.61
CA SER B 85 24.45 -23.62 -9.87
C SER B 85 24.48 -22.30 -10.63
N LEU B 86 25.14 -21.33 -10.01
CA LEU B 86 25.27 -20.01 -10.61
C LEU B 86 26.09 -20.07 -11.89
N ARG B 87 25.71 -19.23 -12.86
CA ARG B 87 26.32 -19.19 -14.18
C ARG B 87 27.21 -17.96 -14.31
N SER B 88 28.04 -17.97 -15.36
CA SER B 88 28.91 -16.83 -15.65
C SER B 88 28.12 -15.61 -16.13
N GLU B 89 26.85 -15.77 -16.46
CA GLU B 89 26.01 -14.65 -16.85
C GLU B 89 25.33 -13.97 -15.67
N ASP B 90 25.51 -14.49 -14.45
CA ASP B 90 24.84 -13.99 -13.27
C ASP B 90 25.64 -12.92 -12.53
N THR B 91 26.65 -12.34 -13.18
CA THR B 91 27.42 -11.28 -12.55
C THR B 91 26.58 -10.02 -12.39
N ALA B 92 26.59 -9.46 -11.19
CA ALA B 92 25.81 -8.27 -10.86
C ALA B 92 26.26 -7.78 -9.49
N MET B 93 25.57 -6.79 -8.96
CA MET B 93 25.80 -6.29 -7.61
C MET B 93 24.44 -6.17 -6.94
N TYR B 94 24.35 -6.61 -5.69
CA TYR B 94 23.08 -6.89 -5.04
C TYR B 94 22.78 -5.90 -3.92
N TYR B 95 21.49 -5.60 -3.75
CA TYR B 95 20.96 -4.86 -2.62
C TYR B 95 19.96 -5.73 -1.88
N CYS B 96 19.93 -5.57 -0.55
CA CYS B 96 18.84 -6.06 0.28
C CYS B 96 18.10 -4.84 0.83
N ALA B 97 16.79 -4.79 0.60
CA ALA B 97 15.99 -3.62 0.94
C ALA B 97 14.69 -4.06 1.56
N ASN B 98 13.79 -3.09 1.77
CA ASN B 98 12.51 -3.32 2.44
C ASN B 98 11.39 -3.08 1.43
N PHE B 99 10.60 -4.12 1.18
CA PHE B 99 9.45 -4.05 0.29
C PHE B 99 8.20 -4.56 1.00
N GLY B 100 7.06 -4.01 0.61
CA GLY B 100 5.77 -4.46 1.12
C GLY B 100 5.44 -4.03 2.54
N ASN B 101 6.42 -3.60 3.32
CA ASN B 101 6.17 -3.17 4.70
C ASN B 101 5.59 -1.77 4.72
N TYR B 102 5.65 -1.13 5.90
CA TYR B 102 5.05 0.18 6.13
C TYR B 102 5.27 1.12 4.96
N GLU B 103 4.23 1.94 4.69
CA GLU B 103 4.14 2.72 3.46
C GLU B 103 5.43 3.41 3.06
N GLU B 104 6.13 4.02 4.01
CA GLU B 104 7.33 4.79 3.71
C GLU B 104 8.47 3.83 3.38
N ILE B 105 8.49 3.39 2.12
CA ILE B 105 9.56 2.51 1.65
C ILE B 105 10.87 3.29 1.59
N ALA B 106 11.90 2.73 2.19
CA ALA B 106 13.21 3.38 2.28
C ALA B 106 14.22 2.32 2.69
N TYR B 107 15.43 2.78 3.05
CA TYR B 107 16.48 1.94 3.59
C TYR B 107 16.95 0.89 2.60
N TRP B 108 17.40 1.33 1.43
CA TRP B 108 18.08 0.42 0.52
C TRP B 108 19.46 0.09 1.06
N GLY B 109 19.92 -1.13 0.80
CA GLY B 109 21.18 -1.59 1.33
C GLY B 109 22.36 -0.83 0.76
N GLN B 110 23.50 -0.98 1.44
CA GLN B 110 24.73 -0.36 0.98
C GLN B 110 25.25 -0.99 -0.31
N GLY B 111 24.76 -2.18 -0.65
CA GLY B 111 25.17 -2.86 -1.85
C GLY B 111 26.35 -3.78 -1.60
N THR B 112 26.42 -4.85 -2.39
CA THR B 112 27.54 -5.79 -2.29
C THR B 112 27.82 -6.36 -3.67
N LEU B 113 29.07 -6.30 -4.10
CA LEU B 113 29.46 -6.82 -5.40
C LEU B 113 29.56 -8.33 -5.34
N VAL B 114 28.60 -9.02 -5.94
CA VAL B 114 28.59 -10.48 -6.03
C VAL B 114 28.74 -10.82 -7.50
N THR B 115 29.98 -11.01 -7.94
CA THR B 115 30.29 -11.24 -9.34
C THR B 115 30.89 -12.64 -9.53
N VAL B 116 30.83 -13.12 -10.76
CA VAL B 116 31.38 -14.40 -11.13
C VAL B 116 32.73 -14.19 -11.79
N SER B 117 33.52 -15.26 -11.87
CA SER B 117 34.83 -15.18 -12.49
C SER B 117 35.12 -16.49 -13.21
N ALA B 118 36.02 -16.41 -14.19
CA ALA B 118 36.46 -17.56 -14.95
C ALA B 118 37.98 -17.65 -15.05
N ALA B 119 38.71 -16.94 -14.20
CA ALA B 119 40.17 -16.96 -14.23
C ALA B 119 40.75 -17.09 -12.82
N GLN C 1 3.30 -10.51 -16.19
CA GLN C 1 3.61 -9.25 -15.54
C GLN C 1 3.53 -8.10 -16.53
N ILE C 2 3.80 -6.89 -16.04
CA ILE C 2 3.80 -5.68 -16.85
C ILE C 2 5.19 -5.07 -16.83
N VAL C 3 5.76 -4.86 -18.00
CA VAL C 3 7.08 -4.23 -18.12
C VAL C 3 6.89 -2.72 -18.14
N LEU C 4 7.76 -2.02 -17.42
CA LEU C 4 7.69 -0.56 -17.37
C LEU C 4 8.55 0.03 -18.48
N THR C 5 7.93 0.88 -19.30
CA THR C 5 8.60 1.48 -20.45
C THR C 5 8.69 2.99 -20.26
N GLN C 6 9.87 3.53 -20.53
CA GLN C 6 10.10 4.97 -20.50
C GLN C 6 10.18 5.49 -21.92
N SER C 7 9.33 6.47 -22.25
CA SER C 7 9.31 6.99 -23.61
C SER C 7 10.66 7.60 -24.02
N PRO C 8 11.30 8.47 -23.23
CA PRO C 8 12.63 8.94 -23.61
C PRO C 8 13.73 8.10 -23.01
N ALA C 9 14.78 7.89 -23.81
CA ALA C 9 15.93 7.11 -23.35
C ALA C 9 16.94 7.96 -22.60
N ILE C 10 17.15 9.21 -23.01
CA ILE C 10 18.08 10.12 -22.35
C ILE C 10 17.68 11.54 -22.69
N MET C 11 17.87 12.45 -21.74
CA MET C 11 17.52 13.86 -21.91
C MET C 11 18.79 14.69 -21.82
N SER C 12 19.31 15.12 -22.97
CA SER C 12 20.41 16.08 -23.02
C SER C 12 19.81 17.48 -23.08
N VAL C 13 19.19 17.88 -21.97
CA VAL C 13 18.44 19.12 -21.88
C VAL C 13 19.28 20.16 -21.16
N SER C 14 19.31 21.36 -21.70
CA SER C 14 20.14 22.43 -21.14
C SER C 14 19.60 22.89 -19.79
N LEU C 15 20.29 23.86 -19.20
CA LEU C 15 20.00 24.31 -17.86
C LEU C 15 18.94 25.41 -17.86
N GLY C 16 17.96 25.29 -16.97
CA GLY C 16 16.99 26.34 -16.76
C GLY C 16 15.56 26.02 -17.12
N GLU C 17 15.35 25.26 -18.19
CA GLU C 17 14.01 25.03 -18.72
C GLU C 17 13.28 24.00 -17.86
N ARG C 18 12.05 23.65 -18.27
CA ARG C 18 11.16 22.79 -17.51
C ARG C 18 10.51 21.80 -18.46
N VAL C 19 10.75 20.51 -18.24
CA VAL C 19 10.25 19.45 -19.10
C VAL C 19 9.52 18.41 -18.24
N THR C 20 9.06 17.35 -18.90
CA THR C 20 8.34 16.27 -18.25
C THR C 20 8.89 14.93 -18.70
N MET C 21 8.67 13.91 -17.88
CA MET C 21 9.10 12.54 -18.18
C MET C 21 7.92 11.60 -17.95
N THR C 22 7.89 10.51 -18.71
CA THR C 22 6.73 9.63 -18.72
C THR C 22 7.13 8.20 -18.39
N CYS C 23 6.28 7.53 -17.61
CA CYS C 23 6.36 6.11 -17.37
C CYS C 23 5.12 5.45 -17.99
N THR C 24 5.35 4.53 -18.92
CA THR C 24 4.27 3.87 -19.64
C THR C 24 4.27 2.39 -19.35
N ALA C 25 3.07 1.81 -19.28
CA ALA C 25 2.88 0.40 -18.99
C ALA C 25 1.81 -0.16 -19.90
N SER C 26 1.73 -1.50 -19.95
CA SER C 26 0.76 -2.18 -20.79
C SER C 26 -0.66 -2.14 -20.23
N SER C 27 -0.82 -1.81 -18.95
CA SER C 27 -2.13 -1.76 -18.32
C SER C 27 -2.03 -0.87 -17.09
N SER C 28 -3.19 -0.43 -16.60
CA SER C 28 -3.23 0.37 -15.39
C SER C 28 -2.77 -0.45 -14.20
N VAL C 29 -1.92 0.15 -13.37
CA VAL C 29 -1.30 -0.55 -12.23
C VAL C 29 -2.03 -0.24 -10.92
N SER C 30 -2.22 1.04 -10.61
CA SER C 30 -2.88 1.48 -9.38
C SER C 30 -2.93 2.99 -9.38
N SER C 31 -3.82 3.54 -8.55
CA SER C 31 -3.80 4.97 -8.30
C SER C 31 -2.54 5.37 -7.54
N SER C 32 -2.25 4.65 -6.44
CA SER C 32 -1.05 4.91 -5.65
C SER C 32 -0.46 3.59 -5.16
N TYR C 33 0.34 2.95 -6.00
CA TYR C 33 1.28 1.89 -5.67
C TYR C 33 2.68 2.18 -6.18
N LEU C 34 2.80 2.84 -7.32
CA LEU C 34 4.10 3.08 -7.93
C LEU C 34 4.85 4.19 -7.20
N HIS C 35 6.13 4.29 -7.51
CA HIS C 35 7.04 5.24 -6.87
C HIS C 35 8.31 5.31 -7.69
N TRP C 36 9.17 6.26 -7.35
CA TRP C 36 10.41 6.48 -8.08
C TRP C 36 11.58 6.59 -7.12
N TYR C 37 12.64 5.87 -7.42
CA TYR C 37 13.88 5.94 -6.68
C TYR C 37 14.84 6.90 -7.38
N GLN C 38 16.06 6.99 -6.85
CA GLN C 38 17.08 7.83 -7.47
C GLN C 38 18.44 7.20 -7.19
N GLN C 39 18.95 6.45 -8.17
CA GLN C 39 20.22 5.76 -8.05
C GLN C 39 21.33 6.70 -8.47
N LYS C 40 22.03 7.27 -7.49
CA LYS C 40 23.22 8.06 -7.79
C LYS C 40 24.35 7.13 -8.26
N PRO C 41 25.27 7.65 -9.07
CA PRO C 41 26.38 6.81 -9.54
C PRO C 41 27.23 6.27 -8.39
N GLY C 42 27.35 4.95 -8.30
CA GLY C 42 28.10 4.32 -7.24
C GLY C 42 27.50 4.51 -5.85
N SER C 43 26.18 4.32 -5.75
CA SER C 43 25.47 4.51 -4.49
C SER C 43 24.21 3.63 -4.54
N SER C 44 23.30 3.86 -3.58
CA SER C 44 22.03 3.16 -3.46
C SER C 44 20.87 4.10 -3.79
N PRO C 45 19.77 3.59 -4.33
CA PRO C 45 18.66 4.44 -4.72
C PRO C 45 17.90 4.96 -3.49
N LYS C 46 17.24 6.10 -3.69
CA LYS C 46 16.45 6.75 -2.65
C LYS C 46 15.13 7.21 -3.25
N LEU C 47 14.07 7.05 -2.46
CA LEU C 47 12.71 7.34 -2.90
C LEU C 47 12.32 8.76 -2.51
N TRP C 48 11.79 9.51 -3.47
CA TRP C 48 11.22 10.83 -3.22
C TRP C 48 9.72 10.90 -3.45
N ILE C 49 9.25 10.54 -4.63
CA ILE C 49 7.85 10.64 -4.99
C ILE C 49 7.20 9.27 -4.77
N TYR C 50 6.41 9.16 -3.71
CA TYR C 50 5.63 7.98 -3.42
C TYR C 50 4.14 8.30 -3.56
N SER C 51 3.33 7.25 -3.67
CA SER C 51 1.89 7.34 -3.83
C SER C 51 1.48 8.08 -5.10
N THR C 52 2.43 8.32 -6.01
CA THR C 52 2.21 8.90 -7.33
C THR C 52 1.89 10.39 -7.20
N SER C 53 1.66 10.86 -5.98
CA SER C 53 1.42 12.27 -5.74
C SER C 53 2.23 12.82 -4.57
N ASN C 54 2.43 12.03 -3.53
CA ASN C 54 3.10 12.52 -2.33
C ASN C 54 4.61 12.52 -2.51
N LEU C 55 5.29 13.20 -1.59
CA LEU C 55 6.73 13.40 -1.65
C LEU C 55 7.36 12.95 -0.34
N ALA C 56 8.49 12.27 -0.44
CA ALA C 56 9.19 11.77 0.74
C ALA C 56 10.02 12.90 1.35
N SER C 57 10.80 12.58 2.38
CA SER C 57 11.61 13.57 3.06
C SER C 57 12.79 13.99 2.19
N GLY C 58 13.22 15.23 2.36
CA GLY C 58 14.35 15.77 1.64
C GLY C 58 14.02 16.44 0.33
N VAL C 59 12.78 16.33 -0.14
CA VAL C 59 12.41 16.97 -1.41
C VAL C 59 12.16 18.45 -1.18
N PRO C 60 12.75 19.34 -1.98
CA PRO C 60 12.55 20.79 -1.77
C PRO C 60 11.24 21.30 -2.38
N ALA C 61 10.31 20.38 -2.64
CA ALA C 61 9.05 20.68 -3.33
C ALA C 61 9.27 21.16 -4.75
N ARG C 62 10.42 20.82 -5.33
CA ARG C 62 10.73 21.13 -6.71
C ARG C 62 10.30 20.04 -7.68
N PHE C 63 10.32 18.78 -7.27
CA PHE C 63 10.03 17.66 -8.14
C PHE C 63 8.58 17.24 -7.96
N SER C 64 7.85 17.11 -9.07
CA SER C 64 6.42 16.85 -9.03
C SER C 64 6.03 16.01 -10.23
N GLY C 65 4.74 15.94 -10.50
CA GLY C 65 4.19 15.18 -11.60
C GLY C 65 2.90 14.49 -11.20
N SER C 66 2.11 14.12 -12.20
CA SER C 66 0.82 13.49 -11.96
C SER C 66 0.47 12.60 -13.14
N GLY C 67 -0.42 11.65 -12.88
CA GLY C 67 -0.89 10.74 -13.90
C GLY C 67 -1.60 9.55 -13.29
N SER C 68 -2.33 8.85 -14.14
CA SER C 68 -3.02 7.63 -13.72
C SER C 68 -3.33 6.80 -14.95
N GLY C 69 -3.65 5.54 -14.73
CA GLY C 69 -3.99 4.62 -15.80
C GLY C 69 -2.76 3.87 -16.31
N THR C 70 -2.59 3.85 -17.63
CA THR C 70 -1.47 3.15 -18.27
C THR C 70 -0.28 4.05 -18.51
N SER C 71 -0.37 5.33 -18.15
CA SER C 71 0.72 6.27 -18.38
C SER C 71 0.73 7.29 -17.26
N TYR C 72 1.91 7.57 -16.72
CA TYR C 72 2.09 8.54 -15.64
C TYR C 72 3.15 9.55 -16.04
N SER C 73 3.01 10.77 -15.54
CA SER C 73 3.91 11.87 -15.90
C SER C 73 4.50 12.48 -14.64
N LEU C 74 5.80 12.77 -14.70
CA LEU C 74 6.54 13.41 -13.62
C LEU C 74 7.17 14.69 -14.17
N THR C 75 6.92 15.80 -13.51
CA THR C 75 7.32 17.11 -14.00
C THR C 75 8.36 17.74 -13.10
N ILE C 76 9.02 18.77 -13.64
CA ILE C 76 10.03 19.54 -12.91
C ILE C 76 9.60 20.99 -12.92
N SER C 77 10.41 21.87 -12.32
CA SER C 77 10.16 23.31 -12.34
C SER C 77 11.26 24.07 -13.05
N SER C 78 12.51 23.85 -12.67
CA SER C 78 13.65 24.49 -13.31
C SER C 78 14.89 23.66 -13.02
N MET C 79 15.63 23.32 -14.07
CA MET C 79 16.79 22.46 -13.90
C MET C 79 17.91 23.17 -13.14
N GLU C 80 18.66 22.39 -12.38
CA GLU C 80 19.80 22.88 -11.63
C GLU C 80 20.91 21.84 -11.67
N ALA C 81 22.00 22.12 -10.95
CA ALA C 81 23.21 21.30 -11.05
C ALA C 81 23.04 19.91 -10.46
N GLU C 82 22.15 19.72 -9.49
CA GLU C 82 22.00 18.44 -8.81
C GLU C 82 21.02 17.51 -9.51
N ASP C 83 20.46 17.91 -10.64
CA ASP C 83 19.50 17.07 -11.35
C ASP C 83 20.17 15.99 -12.20
N ALA C 84 21.50 15.98 -12.28
CA ALA C 84 22.23 14.98 -13.06
C ALA C 84 22.27 13.69 -12.26
N ALA C 85 21.18 12.94 -12.33
CA ALA C 85 21.05 11.67 -11.60
C ALA C 85 20.25 10.70 -12.46
N THR C 86 19.81 9.61 -11.85
CA THR C 86 19.05 8.56 -12.52
C THR C 86 17.71 8.37 -11.80
N TYR C 87 16.69 8.02 -12.58
CA TYR C 87 15.36 7.80 -12.05
C TYR C 87 14.83 6.47 -12.56
N TYR C 88 14.04 5.80 -11.74
CA TYR C 88 13.53 4.48 -12.06
C TYR C 88 12.05 4.40 -11.69
N CYS C 89 11.24 3.96 -12.64
CA CYS C 89 9.82 3.73 -12.39
C CYS C 89 9.63 2.40 -11.66
N HIS C 90 8.51 2.26 -10.97
CA HIS C 90 8.22 1.05 -10.24
C HIS C 90 6.73 0.68 -10.31
N GLN C 91 6.42 -0.55 -9.92
CA GLN C 91 5.05 -1.04 -9.94
C GLN C 91 4.84 -2.15 -8.93
N TYR C 92 3.91 -1.94 -8.00
CA TYR C 92 3.61 -2.93 -6.97
C TYR C 92 2.12 -3.23 -6.91
N HIS C 93 1.67 -4.11 -7.81
CA HIS C 93 0.26 -4.48 -7.87
C HIS C 93 0.10 -5.94 -8.25
N ARG C 94 0.92 -6.39 -9.20
CA ARG C 94 0.89 -7.77 -9.66
C ARG C 94 1.85 -8.63 -8.85
N SER C 95 1.78 -9.94 -9.06
CA SER C 95 2.63 -10.89 -8.35
C SER C 95 4.10 -10.51 -8.51
N PRO C 96 4.53 -10.31 -9.77
CA PRO C 96 5.91 -9.95 -10.11
C PRO C 96 6.15 -8.44 -10.02
N TYR C 97 7.32 -8.07 -9.47
CA TYR C 97 7.69 -6.68 -9.29
C TYR C 97 8.78 -6.31 -10.28
N THR C 98 8.56 -5.22 -11.03
CA THR C 98 9.50 -4.77 -12.03
C THR C 98 9.90 -3.33 -11.76
N PHE C 99 10.85 -2.84 -12.55
CA PHE C 99 11.36 -1.48 -12.43
C PHE C 99 11.23 -0.78 -13.77
N GLY C 100 11.31 0.55 -13.73
CA GLY C 100 11.25 1.32 -14.95
C GLY C 100 12.52 1.18 -15.79
N GLY C 101 12.37 1.48 -17.08
CA GLY C 101 13.51 1.39 -17.98
C GLY C 101 14.64 2.32 -17.60
N GLY C 102 14.33 3.42 -16.93
CA GLY C 102 15.35 4.35 -16.47
C GLY C 102 15.68 5.40 -17.49
N THR C 103 16.05 6.58 -16.99
CA THR C 103 16.44 7.70 -17.83
C THR C 103 17.72 8.29 -17.29
N LYS C 104 18.72 8.46 -18.16
CA LYS C 104 20.02 8.99 -17.76
C LYS C 104 20.00 10.52 -17.85
N LEU C 105 19.34 11.13 -16.87
CA LEU C 105 19.16 12.58 -16.87
C LEU C 105 20.51 13.28 -16.85
N GLU C 106 20.67 14.26 -17.75
CA GLU C 106 21.92 14.98 -17.91
C GLU C 106 21.62 16.42 -18.26
N ILE C 107 22.55 17.32 -17.92
CA ILE C 107 22.44 18.73 -18.21
C ILE C 107 23.36 19.07 -19.38
N LYS C 108 23.05 20.15 -20.08
CA LYS C 108 23.82 20.60 -21.23
C LYS C 108 24.29 22.03 -21.00
N ARG C 109 25.53 22.30 -21.37
CA ARG C 109 26.12 23.62 -21.18
C ARG C 109 25.98 24.48 -22.44
#